data_8SZB
#
_entry.id   8SZB
#
_cell.length_a   1.00
_cell.length_b   1.00
_cell.length_c   1.00
_cell.angle_alpha   90.00
_cell.angle_beta   90.00
_cell.angle_gamma   90.00
#
_symmetry.space_group_name_H-M   'P 1'
#
loop_
_entity.id
_entity.type
_entity.pdbx_description
1 polymer Ninjurin-2
2 non-polymer CHOLESTEROL
#
_entity_poly.entity_id   1
_entity_poly.type   'polypeptide(L)'
_entity_poly.pdbx_seq_one_letter_code
;MDYKDHDGDYKDHDIDYKDDDDKGSGESARENIDLQPGSSDPRSQPINLNHYATKKSVAESMLDVALFMSNAMRLKAVLE
QGPSSHYYTTLVTLISLSLLLQVVIGVLLVVIARLNLNEVEKQWRLNQLNNAATILVFFTVVINVFITAFGAHKTGFLAA
RASRNPL
;
_entity_poly.pdbx_strand_id   F,A,C,E,D,B
#
# COMPACT_ATOMS: atom_id res chain seq x y z
N ASN A 50 17.12 20.48 2.46
CA ASN A 50 16.58 19.22 2.93
C ASN A 50 15.22 19.44 3.59
N HIS A 51 14.41 18.40 3.66
CA HIS A 51 13.09 18.45 4.29
C HIS A 51 12.89 17.40 5.36
N TYR A 52 13.43 16.19 5.17
CA TYR A 52 13.37 15.20 6.23
C TYR A 52 14.19 15.62 7.44
N ALA A 53 15.25 16.40 7.23
CA ALA A 53 16.05 16.87 8.35
C ALA A 53 15.26 17.79 9.26
N THR A 54 14.47 18.70 8.69
CA THR A 54 13.66 19.60 9.50
C THR A 54 12.62 18.85 10.30
N LYS A 55 11.95 17.88 9.66
CA LYS A 55 10.96 17.07 10.36
C LYS A 55 11.61 16.26 11.48
N LYS A 56 12.79 15.68 11.23
CA LYS A 56 13.43 14.91 12.29
C LYS A 56 13.87 15.79 13.44
N SER A 57 14.36 16.99 13.14
CA SER A 57 14.72 17.91 14.22
C SER A 57 13.50 18.28 15.06
N VAL A 58 12.38 18.62 14.40
CA VAL A 58 11.18 19.02 15.13
C VAL A 58 10.66 17.86 15.98
N ALA A 59 10.62 16.66 15.40
CA ALA A 59 10.12 15.51 16.15
C ALA A 59 11.05 15.09 17.28
N GLU A 60 12.37 15.23 17.10
CA GLU A 60 13.32 14.88 18.14
C GLU A 60 13.39 15.92 19.25
N SER A 61 12.99 17.16 18.98
CA SER A 61 13.02 18.18 20.02
C SER A 61 12.13 17.80 21.19
N MET A 62 10.94 17.25 20.91
CA MET A 62 9.92 17.00 21.92
C MET A 62 9.88 15.54 22.37
N LEU A 63 11.02 14.87 22.39
CA LEU A 63 11.11 13.54 22.98
C LEU A 63 12.39 13.47 23.79
N ASP A 64 12.28 13.07 25.05
CA ASP A 64 13.45 12.95 25.91
C ASP A 64 14.17 11.65 25.58
N VAL A 65 15.04 11.69 24.57
CA VAL A 65 15.60 10.48 24.00
C VAL A 65 16.43 9.71 25.03
N ALA A 66 17.07 10.43 25.96
CA ALA A 66 17.88 9.75 26.96
C ALA A 66 17.02 8.85 27.85
N LEU A 67 15.88 9.36 28.29
CA LEU A 67 15.01 8.58 29.17
C LEU A 67 14.39 7.41 28.42
N PHE A 68 13.96 7.63 27.18
CA PHE A 68 13.41 6.55 26.36
C PHE A 68 14.45 5.46 26.15
N MET A 69 15.68 5.85 25.83
CA MET A 69 16.75 4.88 25.58
C MET A 69 17.09 4.10 26.84
N SER A 70 17.13 4.78 27.99
CA SER A 70 17.40 4.08 29.25
C SER A 70 16.29 3.09 29.58
N ASN A 71 15.03 3.50 29.37
CA ASN A 71 13.92 2.58 29.59
C ASN A 71 14.01 1.37 28.67
N ALA A 72 14.36 1.59 27.41
CA ALA A 72 14.48 0.48 26.46
C ALA A 72 15.57 -0.49 26.88
N MET A 73 16.73 0.04 27.30
CA MET A 73 17.80 -0.84 27.77
C MET A 73 17.40 -1.60 29.02
N ARG A 74 16.72 -0.94 29.96
CA ARG A 74 16.29 -1.63 31.18
C ARG A 74 15.30 -2.73 30.86
N LEU A 75 14.36 -2.46 29.94
CA LEU A 75 13.41 -3.48 29.52
C LEU A 75 14.13 -4.66 28.87
N LYS A 76 15.11 -4.38 28.00
CA LYS A 76 15.85 -5.46 27.36
C LYS A 76 16.58 -6.30 28.40
N ALA A 77 17.23 -5.66 29.37
CA ALA A 77 17.96 -6.40 30.40
C ALA A 77 17.01 -7.27 31.22
N VAL A 78 15.87 -6.72 31.62
CA VAL A 78 14.89 -7.50 32.39
C VAL A 78 14.39 -8.68 31.57
N LEU A 79 14.10 -8.46 30.28
CA LEU A 79 13.62 -9.54 29.43
C LEU A 79 14.67 -10.65 29.29
N GLU A 80 15.93 -10.28 29.13
CA GLU A 80 16.99 -11.29 29.09
C GLU A 80 17.17 -12.00 30.43
N GLN A 81 16.85 -11.35 31.54
CA GLN A 81 17.14 -11.93 32.85
C GLN A 81 16.20 -13.08 33.21
N GLY A 82 15.07 -13.23 32.52
CA GLY A 82 14.23 -14.39 32.68
C GLY A 82 12.96 -14.15 33.48
N PRO A 83 11.92 -14.95 33.21
CA PRO A 83 10.68 -14.82 33.99
C PRO A 83 10.86 -15.13 35.47
N SER A 84 11.81 -15.99 35.83
CA SER A 84 12.01 -16.36 37.22
C SER A 84 12.58 -15.21 38.05
N SER A 85 13.02 -14.13 37.41
CA SER A 85 13.59 -13.00 38.14
C SER A 85 12.55 -12.37 39.07
N HIS A 86 13.03 -11.85 40.19
CA HIS A 86 12.14 -11.26 41.16
C HIS A 86 11.56 -9.95 40.63
N TYR A 87 10.30 -9.69 40.96
CA TYR A 87 9.56 -8.52 40.47
C TYR A 87 9.54 -8.48 38.94
N TYR A 88 9.43 -9.63 38.30
CA TYR A 88 9.47 -9.67 36.84
C TYR A 88 8.25 -9.01 36.22
N THR A 89 7.05 -9.43 36.63
CA THR A 89 5.84 -8.95 35.97
C THR A 89 5.59 -7.47 36.24
N THR A 90 5.82 -7.03 37.48
CA THR A 90 5.62 -5.62 37.81
C THR A 90 6.60 -4.74 37.04
N LEU A 91 7.86 -5.17 36.93
CA LEU A 91 8.83 -4.41 36.17
C LEU A 91 8.44 -4.34 34.70
N VAL A 92 8.00 -5.46 34.14
CA VAL A 92 7.62 -5.49 32.72
C VAL A 92 6.47 -4.54 32.47
N THR A 93 5.42 -4.62 33.29
CA THR A 93 4.25 -3.78 33.04
C THR A 93 4.57 -2.30 33.30
N LEU A 94 5.39 -2.01 34.30
CA LEU A 94 5.76 -0.63 34.58
C LEU A 94 6.52 -0.02 33.42
N ILE A 95 7.52 -0.74 32.90
CA ILE A 95 8.30 -0.22 31.78
C ILE A 95 7.43 -0.08 30.53
N SER A 96 6.55 -1.06 30.29
CA SER A 96 5.69 -1.00 29.12
C SER A 96 4.79 0.22 29.16
N LEU A 97 4.15 0.46 30.31
CA LEU A 97 3.25 1.60 30.39
C LEU A 97 4.03 2.91 30.40
N SER A 98 5.26 2.91 30.90
CA SER A 98 6.08 4.11 30.80
C SER A 98 6.38 4.45 29.35
N LEU A 99 6.76 3.45 28.55
CA LEU A 99 7.02 3.71 27.13
C LEU A 99 5.75 4.16 26.41
N LEU A 100 4.62 3.53 26.72
CA LEU A 100 3.36 3.93 26.10
C LEU A 100 3.01 5.37 26.45
N LEU A 101 3.19 5.75 27.72
CA LEU A 101 2.93 7.13 28.14
C LEU A 101 3.87 8.10 27.42
N GLN A 102 5.12 7.70 27.24
CA GLN A 102 6.06 8.56 26.52
C GLN A 102 5.62 8.78 25.08
N VAL A 103 5.17 7.72 24.41
CA VAL A 103 4.71 7.85 23.02
C VAL A 103 3.49 8.74 22.95
N VAL A 104 2.54 8.55 23.87
CA VAL A 104 1.33 9.38 23.88
C VAL A 104 1.69 10.85 24.13
N ILE A 105 2.64 11.08 25.05
CA ILE A 105 3.09 12.44 25.32
C ILE A 105 3.71 13.06 24.09
N GLY A 106 4.53 12.29 23.36
CA GLY A 106 5.12 12.81 22.13
C GLY A 106 4.07 13.19 21.10
N VAL A 107 3.06 12.34 20.93
CA VAL A 107 2.01 12.64 19.96
C VAL A 107 1.25 13.90 20.37
N LEU A 108 0.91 14.00 21.66
CA LEU A 108 0.20 15.18 22.14
C LEU A 108 1.03 16.44 21.98
N LEU A 109 2.34 16.35 22.23
CA LEU A 109 3.21 17.51 22.05
C LEU A 109 3.30 17.91 20.59
N VAL A 110 3.34 16.94 19.68
CA VAL A 110 3.31 17.27 18.25
C VAL A 110 2.03 18.02 17.91
N VAL A 111 0.89 17.53 18.41
CA VAL A 111 -0.39 18.17 18.11
C VAL A 111 -0.42 19.60 18.65
N ILE A 112 0.05 19.78 19.89
CA ILE A 112 0.03 21.10 20.51
C ILE A 112 0.96 22.05 19.78
N ALA A 113 2.16 21.57 19.41
CA ALA A 113 3.11 22.42 18.72
C ALA A 113 2.56 22.88 17.38
N ARG A 114 1.90 21.98 16.65
CA ARG A 114 1.29 22.39 15.38
C ARG A 114 0.14 23.36 15.61
N LEU A 115 -0.70 23.09 16.61
CA LEU A 115 -1.93 23.87 16.79
C LEU A 115 -1.69 25.23 17.43
N ASN A 116 -0.52 25.44 18.05
CA ASN A 116 -0.28 26.68 18.78
C ASN A 116 -0.35 27.90 17.86
N LEU A 117 0.58 27.97 16.90
CA LEU A 117 0.67 29.17 16.05
C LEU A 117 -0.42 29.20 14.97
N ASN A 118 -0.79 28.04 14.44
CA ASN A 118 -1.76 28.02 13.34
C ASN A 118 -3.14 28.48 13.79
N GLU A 119 -3.58 28.05 14.97
CA GLU A 119 -4.92 28.34 15.45
C GLU A 119 -4.85 29.30 16.64
N VAL A 120 -5.72 30.31 16.62
CA VAL A 120 -5.83 31.26 17.71
C VAL A 120 -7.26 31.43 18.23
N GLU A 121 -8.27 30.97 17.49
CA GLU A 121 -9.66 31.14 17.93
C GLU A 121 -9.96 30.27 19.14
N LYS A 122 -9.35 29.08 19.21
CA LYS A 122 -9.63 28.17 20.31
C LYS A 122 -8.57 28.31 21.39
N GLN A 123 -9.01 28.39 22.65
CA GLN A 123 -8.09 28.46 23.77
C GLN A 123 -8.40 27.39 24.81
N TRP A 124 -9.69 27.06 24.97
CA TRP A 124 -10.07 26.04 25.96
C TRP A 124 -9.53 24.67 25.58
N ARG A 125 -9.57 24.33 24.29
CA ARG A 125 -8.97 23.07 23.85
C ARG A 125 -7.48 23.04 24.11
N LEU A 126 -6.80 24.17 23.87
CA LEU A 126 -5.37 24.25 24.15
C LEU A 126 -5.09 24.07 25.64
N ASN A 127 -5.92 24.68 26.50
CA ASN A 127 -5.73 24.51 27.93
C ASN A 127 -5.94 23.06 28.36
N GLN A 128 -6.97 22.41 27.81
CA GLN A 128 -7.20 21.01 28.13
C GLN A 128 -6.02 20.14 27.68
N LEU A 129 -5.52 20.38 26.47
CA LEU A 129 -4.39 19.60 25.98
C LEU A 129 -3.14 19.83 26.82
N ASN A 130 -2.88 21.09 27.20
CA ASN A 130 -1.73 21.37 28.04
C ASN A 130 -1.84 20.69 29.40
N ASN A 131 -3.04 20.73 30.00
CA ASN A 131 -3.23 20.06 31.27
C ASN A 131 -3.03 18.55 31.15
N ALA A 132 -3.55 17.95 30.08
CA ALA A 132 -3.38 16.53 29.88
C ALA A 132 -1.90 16.17 29.70
N ALA A 133 -1.17 16.98 28.92
CA ALA A 133 0.25 16.71 28.73
C ALA A 133 1.01 16.83 30.04
N THR A 134 0.74 17.87 30.83
CA THR A 134 1.44 18.05 32.09
C THR A 134 1.15 16.90 33.05
N ILE A 135 -0.12 16.48 33.11
CA ILE A 135 -0.48 15.38 34.01
C ILE A 135 0.17 14.08 33.55
N LEU A 136 0.25 13.87 32.23
CA LEU A 136 0.89 12.66 31.72
C LEU A 136 2.38 12.63 32.03
N VAL A 137 3.06 13.78 31.90
CA VAL A 137 4.48 13.81 32.28
C VAL A 137 4.63 13.61 33.78
N PHE A 138 3.67 14.10 34.57
CA PHE A 138 3.71 13.85 36.01
C PHE A 138 3.65 12.36 36.31
N PHE A 139 2.68 11.67 35.70
CA PHE A 139 2.58 10.22 35.91
C PHE A 139 3.81 9.47 35.42
N THR A 140 4.38 9.84 34.28
CA THR A 140 5.55 9.09 33.83
C THR A 140 6.75 9.35 34.73
N VAL A 141 6.90 10.56 35.25
CA VAL A 141 7.97 10.84 36.21
C VAL A 141 7.80 9.98 37.45
N VAL A 142 6.57 9.91 37.97
CA VAL A 142 6.29 9.04 39.11
C VAL A 142 6.64 7.60 38.78
N ILE A 143 6.34 7.18 37.55
CA ILE A 143 6.61 5.80 37.15
C ILE A 143 8.11 5.54 37.13
N ASN A 144 8.91 6.46 36.57
CA ASN A 144 10.36 6.23 36.57
C ASN A 144 10.91 6.20 37.99
N VAL A 145 10.39 7.05 38.87
CA VAL A 145 10.78 6.98 40.27
C VAL A 145 10.48 5.59 40.83
N PHE A 146 9.32 5.04 40.47
CA PHE A 146 8.92 3.74 41.01
C PHE A 146 9.82 2.62 40.48
N ILE A 147 10.19 2.68 39.19
CA ILE A 147 11.12 1.68 38.66
C ILE A 147 12.48 1.80 39.32
N THR A 148 12.95 3.03 39.52
CA THR A 148 14.23 3.23 40.21
C THR A 148 14.17 2.65 41.62
N ALA A 149 13.01 2.76 42.27
CA ALA A 149 12.86 2.17 43.61
C ALA A 149 13.00 0.66 43.56
N PHE A 150 12.42 0.02 42.54
CA PHE A 150 12.44 -1.43 42.41
C PHE A 150 13.63 -1.96 41.63
N GLY A 151 14.52 -1.08 41.17
CA GLY A 151 15.70 -1.50 40.43
C GLY A 151 16.75 -2.14 41.31
N ASN B 50 -34.85 5.08 33.87
CA ASN B 50 -33.47 4.62 33.86
C ASN B 50 -32.67 5.37 32.80
N HIS B 51 -31.41 5.68 33.11
CA HIS B 51 -30.52 6.37 32.19
C HIS B 51 -29.43 5.47 31.64
N TYR B 52 -29.01 4.46 32.40
CA TYR B 52 -28.00 3.53 31.89
C TYR B 52 -28.52 2.69 30.74
N ALA B 53 -29.78 2.23 30.83
CA ALA B 53 -30.35 1.44 29.75
C ALA B 53 -30.46 2.25 28.47
N THR B 54 -30.68 3.56 28.59
CA THR B 54 -30.70 4.42 27.41
C THR B 54 -29.35 4.44 26.72
N LYS B 55 -28.26 4.51 27.50
CA LYS B 55 -26.93 4.46 26.91
C LYS B 55 -26.62 3.06 26.39
N LYS B 56 -27.10 2.02 27.08
CA LYS B 56 -26.76 0.66 26.69
C LYS B 56 -27.36 0.29 25.34
N SER B 57 -28.54 0.81 25.03
CA SER B 57 -29.15 0.57 23.73
C SER B 57 -28.30 1.16 22.61
N VAL B 58 -27.82 2.39 22.80
CA VAL B 58 -27.00 3.03 21.78
C VAL B 58 -25.66 2.31 21.64
N ALA B 59 -25.04 1.98 22.78
CA ALA B 59 -23.76 1.29 22.75
C ALA B 59 -23.87 -0.12 22.17
N GLU B 60 -25.09 -0.67 22.10
CA GLU B 60 -25.30 -1.97 21.48
C GLU B 60 -25.82 -1.86 20.05
N SER B 61 -26.41 -0.72 19.68
CA SER B 61 -26.95 -0.57 18.33
C SER B 61 -25.84 -0.52 17.29
N MET B 62 -24.69 0.06 17.64
CA MET B 62 -23.58 0.21 16.70
C MET B 62 -22.52 -0.86 16.89
N LEU B 63 -22.95 -2.07 17.26
CA LEU B 63 -22.04 -3.21 17.33
C LEU B 63 -22.77 -4.44 16.80
N ASP B 64 -22.08 -5.22 15.99
CA ASP B 64 -22.66 -6.47 15.49
C ASP B 64 -22.42 -7.56 16.51
N VAL B 65 -23.25 -7.60 17.56
CA VAL B 65 -23.04 -8.52 18.66
C VAL B 65 -23.11 -9.97 18.17
N ALA B 66 -23.87 -10.20 17.11
CA ALA B 66 -23.90 -11.54 16.51
C ALA B 66 -22.53 -11.90 15.94
N LEU B 67 -21.88 -10.96 15.27
CA LEU B 67 -20.57 -11.23 14.70
C LEU B 67 -19.48 -11.20 15.76
N PHE B 68 -19.58 -10.29 16.73
CA PHE B 68 -18.53 -10.16 17.74
C PHE B 68 -18.44 -11.41 18.60
N MET B 69 -19.59 -11.97 18.97
CA MET B 69 -19.59 -13.15 19.84
C MET B 69 -18.99 -14.36 19.13
N SER B 70 -19.24 -14.50 17.82
CA SER B 70 -18.70 -15.63 17.08
C SER B 70 -17.18 -15.60 17.05
N ASN B 71 -16.59 -14.41 16.82
CA ASN B 71 -15.14 -14.29 16.84
C ASN B 71 -14.59 -14.54 18.23
N ALA B 72 -15.33 -14.12 19.27
CA ALA B 72 -14.88 -14.33 20.63
C ALA B 72 -14.79 -15.82 20.97
N MET B 73 -15.81 -16.59 20.59
CA MET B 73 -15.79 -18.03 20.86
C MET B 73 -14.79 -18.75 19.99
N ARG B 74 -14.63 -18.32 18.73
CA ARG B 74 -13.65 -18.95 17.86
C ARG B 74 -12.24 -18.73 18.38
N LEU B 75 -11.97 -17.56 18.93
CA LEU B 75 -10.68 -17.31 19.55
C LEU B 75 -10.43 -18.26 20.72
N LYS B 76 -11.46 -18.52 21.52
CA LYS B 76 -11.32 -19.44 22.65
C LYS B 76 -10.96 -20.83 22.14
N ALA B 77 -11.62 -21.29 21.07
CA ALA B 77 -11.38 -22.63 20.56
C ALA B 77 -9.95 -22.81 20.07
N VAL B 78 -9.42 -21.83 19.34
CA VAL B 78 -8.09 -21.98 18.76
C VAL B 78 -7.02 -22.00 19.86
N LEU B 79 -7.22 -21.23 20.94
CA LEU B 79 -6.26 -21.25 22.02
C LEU B 79 -6.20 -22.61 22.71
N GLU B 80 -7.36 -23.22 22.95
CA GLU B 80 -7.38 -24.52 23.63
C GLU B 80 -6.94 -25.65 22.73
N GLN B 81 -6.93 -25.44 21.40
CA GLN B 81 -6.45 -26.47 20.49
C GLN B 81 -4.93 -26.60 20.50
N GLY B 82 -4.22 -25.67 21.13
CA GLY B 82 -2.79 -25.78 21.29
C GLY B 82 -2.02 -25.04 20.21
N PRO B 83 -0.82 -24.57 20.56
CA PRO B 83 0.04 -23.93 19.54
C PRO B 83 0.42 -24.88 18.42
N SER B 84 0.56 -26.17 18.71
CA SER B 84 0.94 -27.13 17.68
C SER B 84 -0.15 -27.34 16.63
N SER B 85 -1.38 -26.89 16.89
CA SER B 85 -2.43 -27.02 15.90
C SER B 85 -2.10 -26.17 14.67
N HIS B 86 -2.53 -26.66 13.51
CA HIS B 86 -2.19 -26.00 12.26
C HIS B 86 -2.84 -24.62 12.19
N TYR B 87 -2.11 -23.68 11.57
CA TYR B 87 -2.58 -22.30 11.40
C TYR B 87 -2.78 -21.58 12.73
N TYR B 88 -2.11 -22.02 13.79
CA TYR B 88 -2.25 -21.35 15.08
C TYR B 88 -1.71 -19.93 15.03
N THR B 89 -0.51 -19.76 14.48
CA THR B 89 0.11 -18.45 14.46
C THR B 89 -0.66 -17.45 13.60
N THR B 90 -1.24 -17.92 12.50
CA THR B 90 -1.96 -17.00 11.61
C THR B 90 -3.38 -16.76 12.08
N LEU B 91 -4.01 -17.75 12.72
CA LEU B 91 -5.40 -17.59 13.13
C LEU B 91 -5.52 -16.58 14.27
N VAL B 92 -4.56 -16.58 15.19
CA VAL B 92 -4.65 -15.69 16.34
C VAL B 92 -4.57 -14.22 15.89
N THR B 93 -3.61 -13.90 15.03
CA THR B 93 -3.47 -12.53 14.57
C THR B 93 -4.62 -12.11 13.68
N LEU B 94 -5.16 -13.05 12.88
CA LEU B 94 -6.32 -12.74 12.06
C LEU B 94 -7.53 -12.39 12.93
N ILE B 95 -7.78 -13.21 13.96
CA ILE B 95 -8.91 -12.94 14.85
C ILE B 95 -8.63 -11.71 15.72
N SER B 96 -7.39 -11.55 16.18
CA SER B 96 -7.07 -10.44 17.08
C SER B 96 -7.35 -9.10 16.44
N LEU B 97 -6.82 -8.87 15.24
CA LEU B 97 -7.09 -7.60 14.58
C LEU B 97 -8.49 -7.56 13.98
N SER B 98 -9.12 -8.73 13.81
CA SER B 98 -10.54 -8.74 13.49
C SER B 98 -11.36 -8.15 14.63
N LEU B 99 -11.09 -8.59 15.86
CA LEU B 99 -11.76 -8.01 17.01
C LEU B 99 -11.35 -6.56 17.23
N LEU B 100 -10.07 -6.25 17.02
CA LEU B 100 -9.59 -4.89 17.21
C LEU B 100 -10.28 -3.92 16.26
N LEU B 101 -10.45 -4.32 15.00
CA LEU B 101 -11.09 -3.43 14.03
C LEU B 101 -12.54 -3.15 14.40
N GLN B 102 -13.20 -4.12 15.03
CA GLN B 102 -14.59 -3.90 15.44
C GLN B 102 -14.69 -2.87 16.55
N VAL B 103 -13.78 -2.92 17.52
CA VAL B 103 -13.80 -1.96 18.62
C VAL B 103 -13.50 -0.56 18.09
N VAL B 104 -12.51 -0.45 17.20
CA VAL B 104 -12.18 0.85 16.60
C VAL B 104 -13.37 1.37 15.80
N ILE B 105 -14.05 0.50 15.06
CA ILE B 105 -15.24 0.91 14.33
C ILE B 105 -16.33 1.38 15.30
N GLY B 106 -16.51 0.63 16.40
CA GLY B 106 -17.50 1.03 17.38
C GLY B 106 -17.24 2.41 17.96
N VAL B 107 -15.97 2.72 18.24
CA VAL B 107 -15.62 4.04 18.74
C VAL B 107 -15.91 5.11 17.69
N LEU B 108 -15.57 4.81 16.43
CA LEU B 108 -15.82 5.77 15.36
C LEU B 108 -17.31 6.02 15.17
N LEU B 109 -18.12 4.96 15.26
CA LEU B 109 -19.56 5.12 15.08
C LEU B 109 -20.16 5.99 16.19
N VAL B 110 -19.61 5.89 17.40
CA VAL B 110 -20.09 6.73 18.51
C VAL B 110 -19.86 8.20 18.19
N VAL B 111 -18.68 8.53 17.68
CA VAL B 111 -18.36 9.93 17.37
C VAL B 111 -19.25 10.45 16.26
N ILE B 112 -19.45 9.64 15.22
CA ILE B 112 -20.23 10.09 14.06
C ILE B 112 -21.68 10.34 14.45
N ALA B 113 -22.26 9.44 15.26
CA ALA B 113 -23.65 9.61 15.67
C ALA B 113 -23.85 10.88 16.48
N ARG B 114 -22.95 11.15 17.42
CA ARG B 114 -23.06 12.37 18.22
C ARG B 114 -22.91 13.62 17.36
N LEU B 115 -21.96 13.59 16.42
CA LEU B 115 -21.69 14.76 15.60
C LEU B 115 -22.74 15.00 14.52
N ASN B 116 -23.55 13.99 14.21
CA ASN B 116 -24.52 14.12 13.12
C ASN B 116 -25.54 15.20 13.42
N LEU B 117 -26.32 15.03 14.49
CA LEU B 117 -27.42 15.96 14.78
C LEU B 117 -26.95 17.21 15.50
N ASN B 118 -25.99 17.08 16.42
CA ASN B 118 -25.62 18.21 17.26
C ASN B 118 -24.93 19.31 16.46
N GLU B 119 -24.02 18.95 15.57
CA GLU B 119 -23.26 19.92 14.79
C GLU B 119 -23.59 19.76 13.31
N VAL B 120 -23.70 20.88 12.61
CA VAL B 120 -24.02 20.87 11.19
C VAL B 120 -23.04 21.66 10.34
N GLU B 121 -22.23 22.57 10.92
CA GLU B 121 -21.35 23.41 10.12
C GLU B 121 -20.23 22.60 9.49
N LYS B 122 -19.57 21.75 10.28
CA LYS B 122 -18.48 20.94 9.78
C LYS B 122 -19.03 19.86 8.85
N GLN B 123 -18.48 19.78 7.63
CA GLN B 123 -19.01 18.79 6.69
C GLN B 123 -17.92 17.89 6.12
N TRP B 124 -16.69 18.39 5.95
CA TRP B 124 -15.63 17.51 5.50
C TRP B 124 -15.25 16.51 6.59
N ARG B 125 -15.30 16.93 7.86
CA ARG B 125 -14.97 16.03 8.94
C ARG B 125 -15.88 14.82 8.97
N LEU B 126 -17.18 15.02 8.68
CA LEU B 126 -18.08 13.89 8.55
C LEU B 126 -17.71 13.02 7.36
N ASN B 127 -17.36 13.65 6.23
CA ASN B 127 -17.04 12.88 5.03
C ASN B 127 -15.79 12.03 5.23
N GLN B 128 -14.77 12.59 5.89
CA GLN B 128 -13.59 11.79 6.21
C GLN B 128 -13.93 10.67 7.18
N LEU B 129 -14.69 10.98 8.24
CA LEU B 129 -15.04 9.96 9.22
C LEU B 129 -15.94 8.89 8.61
N ASN B 130 -16.90 9.30 7.76
CA ASN B 130 -17.77 8.31 7.12
C ASN B 130 -16.97 7.40 6.20
N ASN B 131 -16.02 7.96 5.46
CA ASN B 131 -15.19 7.13 4.58
C ASN B 131 -14.27 6.22 5.38
N ALA B 132 -13.72 6.73 6.49
CA ALA B 132 -12.89 5.89 7.34
C ALA B 132 -13.70 4.77 7.98
N ALA B 133 -14.91 5.08 8.43
CA ALA B 133 -15.76 4.04 9.03
C ALA B 133 -16.16 2.99 8.00
N THR B 134 -16.56 3.43 6.80
CA THR B 134 -16.99 2.48 5.78
C THR B 134 -15.85 1.58 5.32
N ILE B 135 -14.65 2.15 5.16
CA ILE B 135 -13.51 1.36 4.73
C ILE B 135 -13.07 0.41 5.83
N LEU B 136 -13.09 0.87 7.08
CA LEU B 136 -12.73 -0.01 8.19
C LEU B 136 -13.67 -1.20 8.30
N VAL B 137 -14.96 -0.98 8.00
CA VAL B 137 -15.91 -2.09 7.98
C VAL B 137 -15.54 -3.07 6.87
N PHE B 138 -15.02 -2.56 5.76
CA PHE B 138 -14.70 -3.41 4.61
C PHE B 138 -13.65 -4.45 4.96
N PHE B 139 -12.60 -4.06 5.68
CA PHE B 139 -11.55 -5.00 6.01
C PHE B 139 -12.01 -6.05 7.01
N THR B 140 -13.03 -5.74 7.83
CA THR B 140 -13.62 -6.76 8.68
C THR B 140 -14.30 -7.82 7.84
N VAL B 141 -14.97 -7.41 6.75
CA VAL B 141 -15.58 -8.36 5.84
C VAL B 141 -14.51 -9.21 5.16
N VAL B 142 -13.42 -8.58 4.74
CA VAL B 142 -12.33 -9.31 4.08
C VAL B 142 -11.67 -10.29 5.04
N ILE B 143 -11.41 -9.84 6.27
CA ILE B 143 -10.73 -10.70 7.25
C ILE B 143 -11.64 -11.86 7.65
N ASN B 144 -12.94 -11.60 7.78
CA ASN B 144 -13.87 -12.68 8.11
C ASN B 144 -13.83 -13.79 7.07
N VAL B 145 -13.65 -13.42 5.80
CA VAL B 145 -13.58 -14.42 4.74
C VAL B 145 -12.36 -15.32 4.94
N PHE B 146 -11.22 -14.74 5.29
CA PHE B 146 -10.02 -15.54 5.53
C PHE B 146 -10.17 -16.38 6.79
N ILE B 147 -10.94 -15.90 7.76
CA ILE B 147 -11.20 -16.67 8.97
C ILE B 147 -11.95 -17.95 8.65
N THR B 148 -13.04 -17.84 7.90
CA THR B 148 -13.82 -19.01 7.53
C THR B 148 -13.02 -19.95 6.63
N ALA B 149 -12.26 -19.38 5.68
CA ALA B 149 -11.50 -20.21 4.75
C ALA B 149 -10.41 -21.01 5.47
N PHE B 150 -9.70 -20.36 6.39
CA PHE B 150 -8.62 -21.01 7.11
C PHE B 150 -9.08 -21.73 8.37
N GLY B 151 -10.35 -21.56 8.77
CA GLY B 151 -10.87 -22.19 9.96
C GLY B 151 -11.52 -23.54 9.68
N ASN C 50 -25.40 -4.01 -5.95
CA ASN C 50 -24.02 -4.41 -6.17
C ASN C 50 -23.40 -3.56 -7.26
N HIS C 51 -22.20 -3.04 -6.99
CA HIS C 51 -21.45 -2.23 -7.94
C HIS C 51 -20.34 -2.99 -8.64
N TYR C 52 -19.71 -3.96 -7.96
CA TYR C 52 -18.70 -4.77 -8.63
C TYR C 52 -19.30 -5.63 -9.72
N ALA C 53 -20.57 -6.00 -9.60
CA ALA C 53 -21.25 -6.70 -10.68
C ALA C 53 -21.39 -5.81 -11.91
N THR C 54 -21.66 -4.53 -11.70
CA THR C 54 -21.73 -3.58 -12.82
C THR C 54 -20.38 -3.44 -13.51
N LYS C 55 -19.30 -3.37 -12.74
CA LYS C 55 -17.97 -3.27 -13.33
C LYS C 55 -17.57 -4.57 -14.01
N LYS C 56 -17.97 -5.71 -13.45
CA LYS C 56 -17.67 -6.98 -14.08
C LYS C 56 -18.44 -7.13 -15.39
N SER C 57 -19.63 -6.54 -15.47
CA SER C 57 -20.41 -6.61 -16.70
C SER C 57 -19.70 -5.93 -17.86
N VAL C 58 -19.16 -4.73 -17.62
CA VAL C 58 -18.47 -4.00 -18.68
C VAL C 58 -17.14 -4.68 -19.01
N ALA C 59 -16.38 -5.06 -17.97
CA ALA C 59 -15.05 -5.62 -18.18
C ALA C 59 -15.08 -6.98 -18.87
N GLU C 60 -16.23 -7.65 -18.90
CA GLU C 60 -16.33 -8.94 -19.57
C GLU C 60 -17.01 -8.85 -20.93
N SER C 61 -17.75 -7.76 -21.20
CA SER C 61 -18.41 -7.62 -22.49
C SER C 61 -17.41 -7.36 -23.60
N MET C 62 -16.33 -6.65 -23.31
CA MET C 62 -15.33 -6.26 -24.30
C MET C 62 -14.11 -7.17 -24.28
N LEU C 63 -14.31 -8.45 -23.97
CA LEU C 63 -13.22 -9.42 -23.98
C LEU C 63 -13.70 -10.70 -24.64
N ASP C 64 -12.89 -11.23 -25.56
CA ASP C 64 -13.19 -12.50 -26.18
C ASP C 64 -12.84 -13.63 -25.22
N VAL C 65 -13.75 -13.93 -24.30
CA VAL C 65 -13.45 -14.88 -23.22
C VAL C 65 -13.22 -16.27 -23.78
N ALA C 66 -14.01 -16.68 -24.77
CA ALA C 66 -13.87 -18.03 -25.34
C ALA C 66 -12.50 -18.22 -25.96
N LEU C 67 -12.02 -17.22 -26.72
CA LEU C 67 -10.72 -17.34 -27.36
C LEU C 67 -9.59 -17.13 -26.36
N PHE C 68 -9.79 -16.22 -25.39
CA PHE C 68 -8.76 -15.98 -24.39
C PHE C 68 -8.51 -17.24 -23.56
N MET C 69 -9.58 -17.95 -23.20
CA MET C 69 -9.42 -19.20 -22.46
C MET C 69 -8.74 -20.26 -23.32
N SER C 70 -9.07 -20.32 -24.61
CA SER C 70 -8.47 -21.32 -25.49
C SER C 70 -6.97 -21.12 -25.64
N ASN C 71 -6.54 -19.87 -25.80
CA ASN C 71 -5.11 -19.60 -25.94
C ASN C 71 -4.37 -19.88 -24.63
N ALA C 72 -5.00 -19.59 -23.50
CA ALA C 72 -4.36 -19.85 -22.21
C ALA C 72 -4.13 -21.34 -22.02
N MET C 73 -5.12 -22.17 -22.38
CA MET C 73 -4.95 -23.61 -22.26
C MET C 73 -3.92 -24.14 -23.25
N ARG C 74 -3.86 -23.56 -24.45
CA ARG C 74 -2.85 -23.97 -25.42
C ARG C 74 -1.45 -23.67 -24.90
N LEU C 75 -1.29 -22.51 -24.26
CA LEU C 75 0.02 -22.15 -23.71
C LEU C 75 0.48 -23.13 -22.65
N LYS C 76 -0.44 -23.58 -21.80
CA LYS C 76 -0.08 -24.56 -20.78
C LYS C 76 0.33 -25.89 -21.40
N ALA C 77 -0.35 -26.30 -22.47
CA ALA C 77 -0.06 -27.59 -23.09
C ALA C 77 1.35 -27.63 -23.66
N VAL C 78 1.74 -26.61 -24.43
CA VAL C 78 3.08 -26.59 -25.01
C VAL C 78 4.14 -26.46 -23.92
N LEU C 79 3.83 -25.70 -22.86
CA LEU C 79 4.80 -25.52 -21.78
C LEU C 79 5.14 -26.85 -21.12
N GLU C 80 4.13 -27.70 -20.88
CA GLU C 80 4.39 -29.02 -20.32
C GLU C 80 4.97 -29.98 -21.35
N GLN C 81 4.87 -29.66 -22.64
CA GLN C 81 5.36 -30.55 -23.68
C GLN C 81 6.87 -30.52 -23.84
N GLY C 82 7.56 -29.58 -23.18
CA GLY C 82 9.00 -29.55 -23.17
C GLY C 82 9.58 -28.66 -24.25
N PRO C 83 10.71 -28.01 -23.93
CA PRO C 83 11.38 -27.17 -24.93
C PRO C 83 11.83 -27.94 -26.15
N SER C 84 12.09 -29.24 -26.01
CA SER C 84 12.52 -30.06 -27.14
C SER C 84 11.41 -30.32 -28.15
N SER C 85 10.17 -29.97 -27.83
CA SER C 85 9.06 -30.21 -28.74
C SER C 85 9.21 -29.37 -30.00
N HIS C 86 8.64 -29.86 -31.09
CA HIS C 86 8.72 -29.17 -32.37
C HIS C 86 8.00 -27.82 -32.30
N TYR C 87 8.60 -26.81 -32.95
CA TYR C 87 8.07 -25.45 -32.98
C TYR C 87 7.78 -24.90 -31.58
N TYR C 88 8.64 -25.21 -30.62
CA TYR C 88 8.44 -24.70 -29.26
C TYR C 88 8.64 -23.19 -29.22
N THR C 89 9.75 -22.70 -29.77
CA THR C 89 10.10 -21.29 -29.65
C THR C 89 9.09 -20.40 -30.36
N THR C 90 8.62 -20.81 -31.54
CA THR C 90 7.69 -19.97 -32.29
C THR C 90 6.29 -20.04 -31.71
N LEU C 91 5.90 -21.18 -31.15
CA LEU C 91 4.56 -21.30 -30.57
C LEU C 91 4.42 -20.42 -29.34
N VAL C 92 5.46 -20.37 -28.50
CA VAL C 92 5.37 -19.60 -27.25
C VAL C 92 5.23 -18.11 -27.55
N THR C 93 6.08 -17.59 -28.45
CA THR C 93 6.06 -16.16 -28.73
C THR C 93 4.78 -15.76 -29.46
N LEU C 94 4.27 -16.61 -30.34
CA LEU C 94 3.04 -16.29 -31.05
C LEU C 94 1.85 -16.25 -30.10
N ILE C 95 1.76 -17.21 -29.19
CA ILE C 95 0.69 -17.19 -28.19
C ILE C 95 0.90 -16.03 -27.22
N SER C 96 2.14 -15.79 -26.80
CA SER C 96 2.41 -14.76 -25.80
C SER C 96 1.97 -13.39 -26.29
N LEU C 97 2.37 -13.01 -27.50
CA LEU C 97 1.97 -11.70 -28.01
C LEU C 97 0.51 -11.70 -28.43
N SER C 98 -0.08 -12.87 -28.69
CA SER C 98 -1.51 -12.94 -28.93
C SER C 98 -2.29 -12.58 -27.67
N LEU C 99 -1.91 -13.16 -26.53
CA LEU C 99 -2.54 -12.81 -25.26
C LEU C 99 -2.25 -11.36 -24.90
N LEU C 100 -1.03 -10.91 -25.16
CA LEU C 100 -0.68 -9.51 -24.89
C LEU C 100 -1.53 -8.57 -25.73
N LEU C 101 -1.81 -8.93 -26.98
CA LEU C 101 -2.62 -8.08 -27.83
C LEU C 101 -4.05 -7.96 -27.30
N GLN C 102 -4.60 -9.04 -26.74
CA GLN C 102 -5.96 -8.99 -26.22
C GLN C 102 -6.05 -8.08 -25.00
N VAL C 103 -5.03 -8.10 -24.14
CA VAL C 103 -5.01 -7.21 -22.98
C VAL C 103 -4.96 -5.76 -23.41
N VAL C 104 -4.09 -5.45 -24.39
CA VAL C 104 -3.99 -4.09 -24.90
C VAL C 104 -5.29 -3.67 -25.58
N ILE C 105 -5.90 -4.60 -26.32
CA ILE C 105 -7.19 -4.30 -26.96
C ILE C 105 -8.26 -4.06 -25.91
N GLY C 106 -8.25 -4.87 -24.83
CA GLY C 106 -9.23 -4.69 -23.78
C GLY C 106 -9.14 -3.33 -23.12
N VAL C 107 -7.91 -2.86 -22.86
CA VAL C 107 -7.72 -1.54 -22.26
C VAL C 107 -8.17 -0.45 -23.22
N LEU C 108 -7.85 -0.60 -24.50
CA LEU C 108 -8.26 0.38 -25.50
C LEU C 108 -9.78 0.43 -25.62
N LEU C 109 -10.43 -0.73 -25.57
CA LEU C 109 -11.89 -0.75 -25.64
C LEU C 109 -12.51 -0.09 -24.41
N VAL C 110 -11.84 -0.19 -23.26
CA VAL C 110 -12.32 0.48 -22.05
C VAL C 110 -12.32 1.99 -22.25
N VAL C 111 -11.21 2.52 -22.80
CA VAL C 111 -11.10 3.96 -23.00
C VAL C 111 -12.13 4.44 -24.01
N ILE C 112 -12.28 3.70 -25.12
CA ILE C 112 -13.23 4.11 -26.15
C ILE C 112 -14.65 4.08 -25.63
N ALA C 113 -15.00 3.04 -24.87
CA ALA C 113 -16.37 2.90 -24.38
C ALA C 113 -16.73 4.05 -23.43
N ARG C 114 -15.81 4.42 -22.54
CA ARG C 114 -16.07 5.53 -21.62
C ARG C 114 -16.10 6.87 -22.35
N LEU C 115 -15.16 7.08 -23.27
CA LEU C 115 -15.02 8.38 -23.91
C LEU C 115 -16.11 8.67 -24.94
N ASN C 116 -16.85 7.65 -25.37
CA ASN C 116 -17.85 7.85 -26.41
C ASN C 116 -18.93 8.83 -25.95
N LEU C 117 -19.69 8.46 -24.92
CA LEU C 117 -20.83 9.27 -24.51
C LEU C 117 -20.43 10.52 -23.75
N ASN C 118 -19.35 10.45 -22.96
CA ASN C 118 -18.99 11.59 -22.12
C ASN C 118 -18.38 12.72 -22.95
N GLU C 119 -17.57 12.39 -23.95
CA GLU C 119 -16.86 13.38 -24.73
C GLU C 119 -17.45 13.49 -26.13
N VAL C 120 -17.76 14.72 -26.54
CA VAL C 120 -18.26 14.99 -27.88
C VAL C 120 -17.47 16.07 -28.60
N GLU C 121 -16.67 16.88 -27.89
CA GLU C 121 -15.88 17.92 -28.55
C GLU C 121 -14.84 17.31 -29.47
N LYS C 122 -14.17 16.26 -29.03
CA LYS C 122 -13.10 15.65 -29.81
C LYS C 122 -13.64 14.46 -30.61
N GLN C 123 -13.28 14.40 -31.89
CA GLN C 123 -13.67 13.28 -32.74
C GLN C 123 -12.44 12.69 -33.43
N TRP C 124 -11.43 13.54 -33.69
CA TRP C 124 -10.21 13.04 -34.31
C TRP C 124 -9.48 12.06 -33.40
N ARG C 125 -9.51 12.32 -32.09
CA ARG C 125 -8.95 11.37 -31.14
C ARG C 125 -9.71 10.05 -31.18
N LEU C 126 -11.03 10.11 -31.28
CA LEU C 126 -11.83 8.89 -31.39
C LEU C 126 -11.49 8.13 -32.66
N ASN C 127 -11.33 8.84 -33.78
CA ASN C 127 -11.02 8.18 -35.04
C ASN C 127 -9.68 7.44 -34.97
N GLN C 128 -8.67 8.06 -34.36
CA GLN C 128 -7.39 7.39 -34.19
C GLN C 128 -7.51 6.19 -33.27
N LEU C 129 -8.25 6.34 -32.16
CA LEU C 129 -8.42 5.21 -31.23
C LEU C 129 -9.24 4.11 -31.86
N ASN C 130 -10.26 4.46 -32.64
CA ASN C 130 -11.07 3.44 -33.32
C ASN C 130 -10.23 2.63 -34.29
N ASN C 131 -9.36 3.30 -35.06
CA ASN C 131 -8.56 2.60 -36.05
C ASN C 131 -7.53 1.68 -35.38
N ALA C 132 -6.92 2.14 -34.28
CA ALA C 132 -5.94 1.31 -33.59
C ALA C 132 -6.57 0.04 -33.05
N ALA C 133 -7.77 0.16 -32.48
CA ALA C 133 -8.45 -1.03 -31.97
C ALA C 133 -8.80 -2.00 -33.08
N THR C 134 -9.33 -1.49 -34.20
CA THR C 134 -9.69 -2.36 -35.31
C THR C 134 -8.48 -3.07 -35.89
N ILE C 135 -7.37 -2.33 -36.06
CA ILE C 135 -6.17 -2.93 -36.63
C ILE C 135 -5.53 -3.90 -35.66
N LEU C 136 -5.52 -3.57 -34.37
CA LEU C 136 -4.97 -4.48 -33.37
C LEU C 136 -5.78 -5.77 -33.32
N VAL C 137 -7.10 -5.68 -33.44
CA VAL C 137 -7.94 -6.87 -33.54
C VAL C 137 -7.59 -7.65 -34.80
N PHE C 138 -7.28 -6.96 -35.89
CA PHE C 138 -6.95 -7.63 -37.14
C PHE C 138 -5.70 -8.48 -37.00
N PHE C 139 -4.66 -7.95 -36.34
CA PHE C 139 -3.44 -8.73 -36.16
C PHE C 139 -3.66 -9.93 -35.25
N THR C 140 -4.64 -9.86 -34.35
CA THR C 140 -4.95 -11.03 -33.53
C THR C 140 -5.47 -12.17 -34.39
N VAL C 141 -6.42 -11.88 -35.29
CA VAL C 141 -7.02 -12.92 -36.12
C VAL C 141 -5.96 -13.63 -36.93
N VAL C 142 -4.97 -12.88 -37.43
CA VAL C 142 -3.88 -13.48 -38.20
C VAL C 142 -3.11 -14.48 -37.34
N ILE C 143 -2.89 -14.16 -36.07
CA ILE C 143 -2.03 -14.99 -35.23
C ILE C 143 -2.65 -16.36 -34.99
N ASN C 144 -3.93 -16.42 -34.63
CA ASN C 144 -4.58 -17.72 -34.41
C ASN C 144 -4.59 -18.55 -35.69
N VAL C 145 -4.58 -17.90 -36.85
CA VAL C 145 -4.40 -18.64 -38.09
C VAL C 145 -3.04 -19.33 -38.11
N PHE C 146 -2.01 -18.61 -37.69
CA PHE C 146 -0.68 -19.21 -37.60
C PHE C 146 -0.60 -20.23 -36.46
N ILE C 147 -1.29 -19.95 -35.35
CA ILE C 147 -1.32 -20.89 -34.24
C ILE C 147 -2.01 -22.19 -34.66
N THR C 148 -3.16 -22.09 -35.32
CA THR C 148 -3.87 -23.28 -35.76
C THR C 148 -3.06 -24.05 -36.79
N ALA C 149 -2.41 -23.34 -37.72
CA ALA C 149 -1.64 -24.01 -38.75
C ALA C 149 -0.43 -24.75 -38.17
N PHE C 150 0.25 -24.15 -37.20
CA PHE C 150 1.44 -24.74 -36.61
C PHE C 150 1.13 -25.69 -35.46
N GLY C 151 -0.13 -25.81 -35.07
CA GLY C 151 -0.51 -26.71 -33.99
C GLY C 151 -1.23 -27.94 -34.47
N ASN D 50 20.14 19.44 -18.01
CA ASN D 50 19.62 18.12 -17.69
C ASN D 50 18.29 18.24 -16.96
N HIS D 51 17.42 17.25 -17.15
CA HIS D 51 16.11 17.22 -16.51
C HIS D 51 15.94 16.09 -15.51
N TYR D 52 16.70 15.01 -15.65
CA TYR D 52 16.65 13.95 -14.63
C TYR D 52 17.34 14.39 -13.35
N ALA D 53 18.39 15.21 -13.45
CA ALA D 53 19.06 15.68 -12.25
C ALA D 53 18.18 16.64 -11.46
N THR D 54 17.37 17.43 -12.15
CA THR D 54 16.45 18.35 -11.47
C THR D 54 15.45 17.58 -10.62
N LYS D 55 14.93 16.46 -11.13
CA LYS D 55 14.04 15.63 -10.33
C LYS D 55 14.80 14.86 -9.27
N LYS D 56 15.97 14.32 -9.62
CA LYS D 56 16.71 13.49 -8.67
C LYS D 56 17.20 14.31 -7.48
N SER D 57 17.66 15.54 -7.73
CA SER D 57 18.10 16.39 -6.62
C SER D 57 16.93 16.75 -5.71
N VAL D 58 15.76 17.01 -6.28
CA VAL D 58 14.59 17.35 -5.48
C VAL D 58 14.12 16.14 -4.70
N ALA D 59 14.06 14.98 -5.36
CA ALA D 59 13.62 13.76 -4.69
C ALA D 59 14.57 13.31 -3.59
N GLU D 60 15.85 13.68 -3.68
CA GLU D 60 16.80 13.36 -2.63
C GLU D 60 16.77 14.36 -1.48
N SER D 61 16.14 15.52 -1.69
CA SER D 61 16.11 16.54 -0.64
C SER D 61 15.10 16.19 0.44
N MET D 62 14.28 15.15 0.22
CA MET D 62 13.34 14.68 1.23
C MET D 62 13.60 13.23 1.61
N LEU D 63 14.87 12.87 1.78
CA LEU D 63 15.26 11.55 2.25
C LEU D 63 16.52 11.70 3.09
N ASP D 64 16.59 10.95 4.18
CA ASP D 64 17.82 10.84 4.94
C ASP D 64 18.56 9.59 4.49
N VAL D 65 19.31 9.70 3.39
CA VAL D 65 19.90 8.52 2.77
C VAL D 65 20.88 7.83 3.72
N ALA D 66 21.56 8.61 4.55
CA ALA D 66 22.41 8.02 5.57
C ALA D 66 21.60 7.19 6.55
N LEU D 67 20.41 7.67 6.91
CA LEU D 67 19.55 6.91 7.81
C LEU D 67 18.90 5.73 7.09
N PHE D 68 18.52 5.92 5.82
CA PHE D 68 17.91 4.83 5.06
C PHE D 68 18.92 3.73 4.74
N MET D 69 20.12 4.12 4.31
CA MET D 69 21.12 3.13 3.93
C MET D 69 21.56 2.32 5.14
N SER D 70 21.62 2.95 6.31
CA SER D 70 22.06 2.25 7.51
C SER D 70 21.13 1.09 7.84
N ASN D 71 19.82 1.33 7.83
CA ASN D 71 18.87 0.28 8.18
C ASN D 71 18.90 -0.85 7.16
N ALA D 72 19.18 -0.53 5.90
CA ALA D 72 19.25 -1.56 4.86
C ALA D 72 20.37 -2.56 5.14
N MET D 73 21.52 -2.05 5.62
CA MET D 73 22.61 -2.96 5.97
C MET D 73 22.28 -3.83 7.18
N ARG D 74 21.63 -3.26 8.19
CA ARG D 74 21.26 -4.06 9.36
C ARG D 74 20.30 -5.18 8.98
N LEU D 75 19.34 -4.88 8.10
CA LEU D 75 18.44 -5.92 7.60
C LEU D 75 19.21 -7.02 6.89
N LYS D 76 20.21 -6.64 6.10
CA LYS D 76 21.06 -7.65 5.47
C LYS D 76 21.88 -8.41 6.50
N ALA D 77 22.32 -7.71 7.56
CA ALA D 77 23.15 -8.35 8.58
C ALA D 77 22.40 -9.45 9.31
N VAL D 78 21.19 -9.14 9.81
CA VAL D 78 20.43 -10.14 10.54
C VAL D 78 19.97 -11.26 9.60
N LEU D 79 19.61 -10.92 8.37
CA LEU D 79 19.11 -11.93 7.43
C LEU D 79 20.16 -13.01 7.17
N GLU D 80 21.42 -12.62 6.96
CA GLU D 80 22.48 -13.59 6.77
C GLU D 80 22.85 -14.28 8.08
N GLN D 81 22.38 -13.78 9.23
CA GLN D 81 22.77 -14.31 10.52
C GLN D 81 21.92 -15.51 10.95
N GLY D 82 20.82 -15.78 10.27
CA GLY D 82 20.04 -16.97 10.53
C GLY D 82 18.82 -16.75 11.40
N PRO D 83 17.74 -17.47 11.11
CA PRO D 83 16.53 -17.35 11.94
C PRO D 83 16.74 -17.77 13.38
N SER D 84 17.73 -18.63 13.64
CA SER D 84 18.01 -19.07 15.00
C SER D 84 18.67 -18.00 15.85
N SER D 85 19.07 -16.87 15.26
CA SER D 85 19.75 -15.82 16.00
C SER D 85 18.83 -15.23 17.06
N HIS D 86 19.46 -14.70 18.11
CA HIS D 86 18.70 -14.06 19.18
C HIS D 86 17.95 -12.83 18.66
N TYR D 87 16.68 -12.73 19.05
CA TYR D 87 15.76 -11.70 18.53
C TYR D 87 15.81 -11.57 17.01
N TYR D 88 15.76 -12.69 16.30
CA TYR D 88 15.62 -12.64 14.85
C TYR D 88 14.26 -12.09 14.45
N THR D 89 13.20 -12.55 15.12
CA THR D 89 11.84 -12.21 14.69
C THR D 89 11.54 -10.73 14.91
N THR D 90 11.84 -10.20 16.10
CA THR D 90 11.45 -8.83 16.38
C THR D 90 12.31 -7.83 15.62
N LEU D 91 13.56 -8.20 15.32
CA LEU D 91 14.43 -7.28 14.59
C LEU D 91 13.99 -7.15 13.13
N VAL D 92 13.51 -8.24 12.53
CA VAL D 92 13.09 -8.20 11.14
C VAL D 92 11.86 -7.32 10.98
N THR D 93 10.90 -7.46 11.89
CA THR D 93 9.66 -6.69 11.77
C THR D 93 9.87 -5.23 12.14
N LEU D 94 10.78 -4.96 13.08
CA LEU D 94 11.06 -3.58 13.45
C LEU D 94 11.72 -2.82 12.31
N ILE D 95 12.72 -3.45 11.67
CA ILE D 95 13.40 -2.81 10.55
C ILE D 95 12.47 -2.71 9.35
N SER D 96 11.64 -3.73 9.12
CA SER D 96 10.79 -3.74 7.95
C SER D 96 9.81 -2.57 7.95
N LEU D 97 9.16 -2.33 9.09
CA LEU D 97 8.25 -1.19 9.16
C LEU D 97 9.01 0.12 9.34
N SER D 98 10.27 0.06 9.78
CA SER D 98 11.09 1.26 9.80
C SER D 98 11.37 1.76 8.40
N LEU D 99 11.79 0.86 7.50
CA LEU D 99 11.97 1.24 6.10
C LEU D 99 10.66 1.61 5.45
N LEU D 100 9.60 0.85 5.74
CA LEU D 100 8.30 1.10 5.11
C LEU D 100 7.77 2.47 5.50
N LEU D 101 7.99 2.89 6.75
CA LEU D 101 7.52 4.20 7.17
C LEU D 101 8.20 5.31 6.37
N GLN D 102 9.51 5.19 6.13
CA GLN D 102 10.24 6.25 5.43
C GLN D 102 9.71 6.44 4.01
N VAL D 103 9.35 5.33 3.34
CA VAL D 103 8.79 5.44 1.99
C VAL D 103 7.48 6.21 2.02
N VAL D 104 6.64 5.95 3.03
CA VAL D 104 5.38 6.66 3.14
C VAL D 104 5.61 8.14 3.39
N ILE D 105 6.58 8.47 4.26
CA ILE D 105 6.93 9.87 4.49
C ILE D 105 7.46 10.50 3.22
N GLY D 106 8.30 9.77 2.48
CA GLY D 106 8.84 10.31 1.24
C GLY D 106 7.76 10.64 0.23
N VAL D 107 6.76 9.77 0.10
CA VAL D 107 5.65 10.06 -0.80
C VAL D 107 4.88 11.28 -0.31
N LEU D 108 4.64 11.35 1.00
CA LEU D 108 3.93 12.50 1.56
C LEU D 108 4.75 13.78 1.39
N LEU D 109 6.07 13.70 1.57
CA LEU D 109 6.91 14.88 1.44
C LEU D 109 6.90 15.41 0.01
N VAL D 110 6.82 14.52 -0.97
CA VAL D 110 6.71 14.96 -2.37
C VAL D 110 5.41 15.74 -2.57
N VAL D 111 4.30 15.21 -2.03
CA VAL D 111 3.01 15.86 -2.19
C VAL D 111 3.00 17.20 -1.47
N ILE D 112 3.57 17.26 -0.27
CA ILE D 112 3.56 18.49 0.51
C ILE D 112 4.33 19.59 -0.20
N ALA D 113 5.52 19.27 -0.72
CA ALA D 113 6.32 20.28 -1.39
C ALA D 113 5.62 20.80 -2.65
N ARG D 114 5.02 19.90 -3.43
CA ARG D 114 4.34 20.32 -4.65
C ARG D 114 3.11 21.17 -4.35
N LEU D 115 2.34 20.78 -3.34
CA LEU D 115 1.09 21.46 -3.04
C LEU D 115 1.30 22.81 -2.37
N ASN D 116 2.43 23.01 -1.70
CA ASN D 116 2.65 24.23 -0.91
C ASN D 116 2.56 25.48 -1.78
N LEU D 117 3.47 25.61 -2.74
CA LEU D 117 3.53 26.83 -3.55
C LEU D 117 2.43 26.89 -4.59
N ASN D 118 2.06 25.76 -5.19
CA ASN D 118 1.12 25.79 -6.31
C ASN D 118 -0.29 26.13 -5.85
N GLU D 119 -0.73 25.60 -4.71
CA GLU D 119 -2.07 25.82 -4.21
C GLU D 119 -2.01 26.62 -2.91
N VAL D 120 -2.92 27.58 -2.78
CA VAL D 120 -2.98 28.43 -1.59
C VAL D 120 -4.37 28.51 -0.98
N GLU D 121 -5.43 28.16 -1.70
CA GLU D 121 -6.78 28.24 -1.14
C GLU D 121 -6.99 27.16 -0.08
N LYS D 122 -6.60 25.93 -0.37
CA LYS D 122 -6.78 24.84 0.57
C LYS D 122 -5.73 24.93 1.68
N GLN D 123 -6.19 24.93 2.93
CA GLN D 123 -5.27 25.08 4.05
C GLN D 123 -5.41 23.93 5.05
N TRP D 124 -6.64 23.49 5.30
CA TRP D 124 -6.85 22.42 6.27
C TRP D 124 -6.28 21.10 5.77
N ARG D 125 -6.23 20.90 4.46
CA ARG D 125 -5.61 19.70 3.90
C ARG D 125 -4.12 19.67 4.22
N LEU D 126 -3.45 20.83 4.15
CA LEU D 126 -2.02 20.88 4.46
C LEU D 126 -1.74 20.51 5.92
N ASN D 127 -2.56 21.03 6.84
CA ASN D 127 -2.32 20.76 8.25
C ASN D 127 -2.44 19.29 8.57
N GLN D 128 -3.41 18.60 7.98
CA GLN D 128 -3.51 17.15 8.14
C GLN D 128 -2.30 16.45 7.54
N LEU D 129 -1.85 16.92 6.37
CA LEU D 129 -0.67 16.32 5.75
C LEU D 129 0.59 16.59 6.57
N ASN D 130 0.73 17.81 7.09
CA ASN D 130 1.89 18.12 7.92
C ASN D 130 1.85 17.35 9.23
N ASN D 131 0.66 17.21 9.83
CA ASN D 131 0.54 16.42 11.05
C ASN D 131 0.88 14.95 10.81
N ALA D 132 0.41 14.39 9.70
CA ALA D 132 0.74 13.01 9.37
C ALA D 132 2.23 12.84 9.15
N ALA D 133 2.86 13.79 8.45
CA ALA D 133 4.29 13.70 8.19
C ALA D 133 5.10 13.84 9.48
N THR D 134 4.74 14.82 10.32
CA THR D 134 5.50 15.03 11.55
C THR D 134 5.37 13.85 12.50
N ILE D 135 4.17 13.30 12.62
CA ILE D 135 3.97 12.16 13.52
C ILE D 135 4.65 10.91 12.97
N LEU D 136 4.55 10.68 11.66
CA LEU D 136 5.19 9.51 11.07
C LEU D 136 6.70 9.57 11.22
N VAL D 137 7.28 10.77 11.15
CA VAL D 137 8.70 10.93 11.43
C VAL D 137 9.00 10.58 12.88
N PHE D 138 8.09 10.95 13.79
CA PHE D 138 8.28 10.67 15.21
C PHE D 138 8.33 9.17 15.47
N PHE D 139 7.46 8.39 14.82
CA PHE D 139 7.48 6.95 15.01
C PHE D 139 8.76 6.33 14.46
N THR D 140 9.34 6.94 13.44
CA THR D 140 10.63 6.46 12.94
C THR D 140 11.72 6.65 13.99
N VAL D 141 11.68 7.77 14.71
CA VAL D 141 12.65 8.01 15.78
C VAL D 141 12.48 6.97 16.88
N VAL D 142 11.23 6.67 17.25
CA VAL D 142 10.96 5.71 18.32
C VAL D 142 11.44 4.32 17.92
N ILE D 143 11.13 3.90 16.69
CA ILE D 143 11.52 2.57 16.23
C ILE D 143 13.04 2.44 16.19
N ASN D 144 13.73 3.49 15.70
CA ASN D 144 15.18 3.44 15.61
C ASN D 144 15.82 3.28 16.99
N VAL D 145 15.14 3.76 18.03
CA VAL D 145 15.64 3.59 19.40
C VAL D 145 15.64 2.13 19.79
N PHE D 146 14.56 1.42 19.48
CA PHE D 146 14.46 0.02 19.89
C PHE D 146 15.43 -0.87 19.11
N ILE D 147 15.61 -0.59 17.82
CA ILE D 147 16.57 -1.35 17.03
C ILE D 147 17.97 -1.19 17.59
N THR D 148 18.34 0.05 17.93
CA THR D 148 19.61 0.29 18.61
C THR D 148 19.65 -0.42 19.95
N ALA D 149 18.54 -0.37 20.70
CA ALA D 149 18.50 -1.02 22.00
C ALA D 149 18.58 -2.54 21.87
N PHE D 150 17.88 -3.12 20.90
CA PHE D 150 17.86 -4.56 20.72
C PHE D 150 19.00 -5.08 19.88
N GLY D 151 19.85 -4.20 19.35
CA GLY D 151 20.99 -4.62 18.55
C GLY D 151 22.22 -4.90 19.38
N ASN E 50 21.99 19.49 -39.07
CA ASN E 50 21.64 18.12 -38.69
C ASN E 50 20.40 18.13 -37.80
N HIS E 51 19.57 17.10 -37.96
CA HIS E 51 18.34 16.95 -37.18
C HIS E 51 18.39 15.81 -36.19
N TYR E 52 19.01 14.69 -36.55
CA TYR E 52 19.18 13.61 -35.59
C TYR E 52 20.08 14.03 -34.43
N ALA E 53 20.94 15.02 -34.64
CA ALA E 53 21.73 15.58 -33.54
C ALA E 53 20.84 16.37 -32.59
N THR E 54 19.88 17.13 -33.13
CA THR E 54 18.97 17.89 -32.28
C THR E 54 18.11 16.97 -31.42
N LYS E 55 17.61 15.88 -32.01
CA LYS E 55 16.83 14.92 -31.24
C LYS E 55 17.70 14.18 -30.23
N LYS E 56 18.93 13.84 -30.62
CA LYS E 56 19.78 13.05 -29.75
C LYS E 56 20.14 13.80 -28.47
N SER E 57 20.42 15.10 -28.60
CA SER E 57 20.76 15.90 -27.41
C SER E 57 19.59 15.98 -26.45
N VAL E 58 18.39 16.23 -26.97
CA VAL E 58 17.20 16.34 -26.10
C VAL E 58 16.91 15.00 -25.44
N ALA E 59 17.05 13.91 -26.19
CA ALA E 59 16.82 12.58 -25.63
C ALA E 59 17.78 12.28 -24.48
N GLU E 60 19.01 12.77 -24.54
CA GLU E 60 19.96 12.59 -23.46
C GLU E 60 19.86 13.67 -22.39
N SER E 61 19.15 14.77 -22.67
CA SER E 61 19.01 15.83 -21.69
C SER E 61 18.12 15.40 -20.53
N MET E 62 17.27 14.39 -20.75
CA MET E 62 16.34 13.90 -19.73
C MET E 62 16.61 12.44 -19.36
N LEU E 63 17.85 12.00 -19.44
CA LEU E 63 18.20 10.67 -18.98
C LEU E 63 19.55 10.73 -18.26
N ASP E 64 19.64 10.03 -17.13
CA ASP E 64 20.88 9.97 -16.38
C ASP E 64 21.75 8.82 -16.88
N VAL E 65 22.51 9.06 -17.94
CA VAL E 65 23.32 7.99 -18.54
C VAL E 65 24.37 7.50 -17.56
N ALA E 66 24.82 8.35 -16.66
CA ALA E 66 25.79 7.93 -15.64
C ALA E 66 25.20 6.85 -14.76
N LEU E 67 23.95 7.04 -14.31
CA LEU E 67 23.31 6.05 -13.45
C LEU E 67 22.83 4.85 -14.27
N PHE E 68 22.34 5.09 -15.49
CA PHE E 68 21.81 4.01 -16.31
C PHE E 68 22.88 2.98 -16.64
N MET E 69 24.08 3.46 -17.01
CA MET E 69 25.12 2.54 -17.46
C MET E 69 25.69 1.73 -16.30
N SER E 70 25.68 2.28 -15.09
CA SER E 70 26.19 1.55 -13.93
C SER E 70 25.34 0.32 -13.64
N ASN E 71 24.01 0.46 -13.71
CA ASN E 71 23.13 -0.67 -13.48
C ASN E 71 23.29 -1.71 -14.58
N ALA E 72 23.47 -1.27 -15.82
CA ALA E 72 23.59 -2.21 -16.94
C ALA E 72 24.77 -3.15 -16.74
N MET E 73 25.92 -2.61 -16.33
CA MET E 73 27.05 -3.48 -16.02
C MET E 73 26.81 -4.30 -14.76
N ARG E 74 26.05 -3.75 -13.81
CA ARG E 74 25.73 -4.52 -12.61
C ARG E 74 24.83 -5.72 -12.94
N LEU E 75 23.85 -5.51 -13.84
CA LEU E 75 23.02 -6.61 -14.29
C LEU E 75 23.84 -7.66 -15.03
N LYS E 76 24.81 -7.22 -15.84
CA LYS E 76 25.68 -8.15 -16.54
C LYS E 76 26.48 -8.98 -15.54
N ALA E 77 27.00 -8.34 -14.50
CA ALA E 77 27.84 -9.05 -13.52
C ALA E 77 27.05 -10.13 -12.81
N VAL E 78 25.83 -9.82 -12.34
CA VAL E 78 25.04 -10.81 -11.61
C VAL E 78 24.55 -11.91 -12.54
N LEU E 79 24.29 -11.58 -13.81
CA LEU E 79 23.82 -12.59 -14.75
C LEU E 79 24.89 -13.63 -15.04
N GLU E 80 26.14 -13.19 -15.23
CA GLU E 80 27.23 -14.12 -15.49
C GLU E 80 27.68 -14.85 -14.24
N GLN E 81 27.37 -14.32 -13.05
CA GLN E 81 27.80 -14.94 -11.80
C GLN E 81 27.06 -16.24 -11.50
N GLY E 82 25.96 -16.51 -12.18
CA GLY E 82 25.24 -17.74 -11.99
C GLY E 82 24.12 -17.63 -10.98
N PRO E 83 23.04 -18.40 -11.18
CA PRO E 83 21.95 -18.38 -10.20
C PRO E 83 22.34 -18.87 -8.83
N SER E 84 23.41 -19.66 -8.73
CA SER E 84 23.86 -20.18 -7.44
C SER E 84 24.42 -19.10 -6.52
N SER E 85 24.74 -17.92 -7.06
CA SER E 85 25.25 -16.84 -6.23
C SER E 85 24.20 -16.38 -5.23
N HIS E 86 24.65 -15.96 -4.05
CA HIS E 86 23.73 -15.52 -3.01
C HIS E 86 23.01 -14.24 -3.45
N TYR E 87 21.72 -14.16 -3.11
CA TYR E 87 20.87 -13.03 -3.45
C TYR E 87 20.77 -12.83 -4.96
N TYR E 88 20.79 -13.92 -5.73
CA TYR E 88 20.63 -13.83 -7.17
C TYR E 88 19.22 -13.40 -7.54
N THR E 89 18.21 -14.05 -6.94
CA THR E 89 16.83 -13.78 -7.31
C THR E 89 16.43 -12.35 -6.97
N THR E 90 16.82 -11.87 -5.79
CA THR E 90 16.41 -10.52 -5.39
C THR E 90 17.18 -9.45 -6.15
N LEU E 91 18.43 -9.72 -6.52
CA LEU E 91 19.21 -8.73 -7.26
C LEU E 91 18.68 -8.55 -8.67
N VAL E 92 18.28 -9.65 -9.32
CA VAL E 92 17.81 -9.56 -10.71
C VAL E 92 16.55 -8.71 -10.79
N THR E 93 15.60 -8.95 -9.90
CA THR E 93 14.35 -8.19 -9.94
C THR E 93 14.57 -6.74 -9.53
N LEU E 94 15.41 -6.50 -8.52
CA LEU E 94 15.65 -5.13 -8.08
C LEU E 94 16.33 -4.31 -9.16
N ILE E 95 17.35 -4.87 -9.82
CA ILE E 95 18.05 -4.14 -10.87
C ILE E 95 17.13 -3.93 -12.06
N SER E 96 16.41 -4.97 -12.48
CA SER E 96 15.61 -4.90 -13.71
C SER E 96 14.50 -3.86 -13.59
N LEU E 97 13.81 -3.82 -12.46
CA LEU E 97 12.71 -2.87 -12.33
C LEU E 97 13.22 -1.45 -12.12
N SER E 98 14.46 -1.30 -11.63
CA SER E 98 15.07 0.03 -11.60
C SER E 98 15.35 0.52 -13.01
N LEU E 99 15.85 -0.38 -13.87
CA LEU E 99 16.04 -0.03 -15.28
C LEU E 99 14.69 0.27 -15.95
N LEU E 100 13.67 -0.54 -15.64
CA LEU E 100 12.35 -0.31 -16.22
C LEU E 100 11.76 1.01 -15.75
N LEU E 101 11.95 1.34 -14.47
CA LEU E 101 11.46 2.61 -13.96
C LEU E 101 12.18 3.78 -14.61
N GLN E 102 13.47 3.61 -14.92
CA GLN E 102 14.23 4.68 -15.56
C GLN E 102 13.70 4.99 -16.95
N VAL E 103 13.32 3.96 -17.71
CA VAL E 103 12.75 4.18 -19.04
C VAL E 103 11.41 4.88 -18.94
N VAL E 104 10.56 4.44 -17.99
CA VAL E 104 9.24 5.06 -17.83
C VAL E 104 9.38 6.53 -17.45
N ILE E 105 10.36 6.85 -16.60
CA ILE E 105 10.62 8.24 -16.24
C ILE E 105 11.04 9.03 -17.47
N GLY E 106 11.92 8.46 -18.30
CA GLY E 106 12.35 9.15 -19.50
C GLY E 106 11.21 9.45 -20.45
N VAL E 107 10.29 8.49 -20.62
CA VAL E 107 9.14 8.72 -21.48
C VAL E 107 8.25 9.81 -20.91
N LEU E 108 8.07 9.81 -19.59
CA LEU E 108 7.27 10.85 -18.95
C LEU E 108 7.89 12.22 -19.13
N LEU E 109 9.23 12.31 -19.03
CA LEU E 109 9.90 13.58 -19.22
C LEU E 109 9.75 14.08 -20.65
N VAL E 110 9.70 13.16 -21.62
CA VAL E 110 9.50 13.54 -23.01
C VAL E 110 8.15 14.24 -23.18
N VAL E 111 7.11 13.66 -22.58
CA VAL E 111 5.77 14.23 -22.70
C VAL E 111 5.72 15.61 -22.04
N ILE E 112 6.30 15.73 -20.85
CA ILE E 112 6.24 16.99 -20.12
C ILE E 112 6.94 18.10 -20.89
N ALA E 113 8.13 17.81 -21.42
CA ALA E 113 8.87 18.82 -22.18
C ALA E 113 8.10 19.26 -23.41
N ARG E 114 7.55 18.30 -24.15
CA ARG E 114 6.79 18.63 -25.36
C ARG E 114 5.52 19.40 -25.02
N LEU E 115 4.88 19.05 -23.92
CA LEU E 115 3.62 19.67 -23.53
C LEU E 115 3.79 21.00 -22.80
N ASN E 116 4.95 21.23 -22.18
CA ASN E 116 5.12 22.39 -21.30
C ASN E 116 4.93 23.69 -22.07
N LEU E 117 5.81 23.96 -23.04
CA LEU E 117 5.71 25.21 -23.79
C LEU E 117 4.57 25.19 -24.80
N ASN E 118 4.27 24.02 -25.35
CA ASN E 118 3.21 23.93 -26.36
C ASN E 118 1.84 24.25 -25.76
N GLU E 119 1.57 23.76 -24.55
CA GLU E 119 0.25 23.88 -23.94
C GLU E 119 0.29 24.82 -22.74
N VAL E 120 -0.73 25.66 -22.63
CA VAL E 120 -0.85 26.58 -21.51
C VAL E 120 -2.21 26.53 -20.83
N GLU E 121 -3.23 25.96 -21.46
CA GLU E 121 -4.58 26.00 -20.87
C GLU E 121 -4.69 25.02 -19.70
N LYS E 122 -4.48 23.74 -19.95
CA LYS E 122 -4.58 22.75 -18.89
C LYS E 122 -3.41 22.88 -17.92
N GLN E 123 -3.70 22.75 -16.63
CA GLN E 123 -2.68 22.84 -15.60
C GLN E 123 -2.73 21.62 -14.69
N TRP E 124 -3.94 21.09 -14.46
CA TRP E 124 -4.08 19.90 -13.63
C TRP E 124 -3.30 18.73 -14.20
N ARG E 125 -3.30 18.57 -15.53
CA ARG E 125 -2.59 17.46 -16.15
C ARG E 125 -1.10 17.55 -15.88
N LEU E 126 -0.55 18.77 -15.95
CA LEU E 126 0.88 18.96 -15.69
C LEU E 126 1.24 18.59 -14.26
N ASN E 127 0.41 19.01 -13.29
CA ASN E 127 0.71 18.72 -11.89
C ASN E 127 0.67 17.23 -11.61
N GLN E 128 -0.30 16.53 -12.20
CA GLN E 128 -0.33 15.07 -12.07
C GLN E 128 0.88 14.44 -12.74
N LEU E 129 1.27 14.95 -13.90
CA LEU E 129 2.45 14.42 -14.57
C LEU E 129 3.73 14.81 -13.84
N ASN E 130 3.80 16.04 -13.34
CA ASN E 130 4.99 16.46 -12.59
C ASN E 130 5.16 15.63 -11.31
N ASN E 131 4.06 15.38 -10.60
CA ASN E 131 4.15 14.58 -9.39
C ASN E 131 4.58 13.15 -9.69
N ALA E 132 3.90 12.50 -10.64
CA ALA E 132 4.25 11.12 -10.99
C ALA E 132 5.69 11.03 -11.47
N ALA E 133 6.21 12.11 -12.07
CA ALA E 133 7.62 12.12 -12.44
C ALA E 133 8.51 12.13 -11.20
N THR E 134 8.14 12.92 -10.18
CA THR E 134 9.00 13.02 -9.00
C THR E 134 8.94 11.76 -8.15
N ILE E 135 7.74 11.22 -7.92
CA ILE E 135 7.62 10.03 -7.10
C ILE E 135 8.28 8.82 -7.77
N LEU E 136 8.16 8.73 -9.10
CA LEU E 136 8.83 7.64 -9.81
C LEU E 136 10.34 7.72 -9.67
N VAL E 137 10.89 8.94 -9.67
CA VAL E 137 12.32 9.11 -9.41
C VAL E 137 12.65 8.69 -8.00
N PHE E 138 11.74 8.94 -7.05
CA PHE E 138 11.99 8.60 -5.65
C PHE E 138 12.20 7.11 -5.46
N PHE E 139 11.40 6.28 -6.13
CA PHE E 139 11.58 4.83 -5.99
C PHE E 139 12.89 4.36 -6.60
N THR E 140 13.33 5.00 -7.69
CA THR E 140 14.63 4.65 -8.26
C THR E 140 15.75 4.92 -7.26
N VAL E 141 15.67 6.05 -6.56
CA VAL E 141 16.65 6.33 -5.50
C VAL E 141 16.56 5.30 -4.40
N VAL E 142 15.33 4.94 -3.99
CA VAL E 142 15.16 3.93 -2.94
C VAL E 142 15.67 2.58 -3.40
N ILE E 143 15.32 2.18 -4.63
CA ILE E 143 15.76 0.88 -5.14
C ILE E 143 17.27 0.84 -5.29
N ASN E 144 17.87 1.93 -5.77
CA ASN E 144 19.33 1.97 -5.95
C ASN E 144 20.05 1.76 -4.63
N VAL E 145 19.51 2.32 -3.54
CA VAL E 145 20.11 2.10 -2.22
C VAL E 145 20.10 0.61 -1.88
N PHE E 146 19.02 -0.09 -2.23
CA PHE E 146 18.92 -1.51 -1.91
C PHE E 146 19.89 -2.33 -2.76
N ILE E 147 20.12 -1.91 -4.01
CA ILE E 147 21.13 -2.59 -4.83
C ILE E 147 22.52 -2.41 -4.25
N THR E 148 22.83 -1.17 -3.82
CA THR E 148 24.12 -0.92 -3.19
C THR E 148 24.27 -1.70 -1.89
N ALA E 149 23.20 -1.74 -1.09
CA ALA E 149 23.28 -2.45 0.18
C ALA E 149 23.46 -3.95 -0.02
N PHE E 150 22.76 -4.53 -1.00
CA PHE E 150 22.82 -5.96 -1.25
C PHE E 150 23.90 -6.36 -2.24
N GLY E 151 24.68 -5.39 -2.74
CA GLY E 151 25.75 -5.70 -3.66
C GLY E 151 26.98 -6.28 -2.99
N ASN F 50 -29.85 0.38 14.41
CA ASN F 50 -28.55 -0.22 14.11
C ASN F 50 -27.79 0.63 13.10
N HIS F 51 -26.48 0.73 13.28
CA HIS F 51 -25.61 1.48 12.38
C HIS F 51 -24.55 0.62 11.73
N TYR F 52 -24.02 -0.39 12.43
CA TYR F 52 -23.02 -1.26 11.83
C TYR F 52 -23.61 -2.14 10.74
N ALA F 53 -24.86 -2.58 10.91
CA ALA F 53 -25.50 -3.39 9.88
C ALA F 53 -25.66 -2.60 8.58
N THR F 54 -25.95 -1.30 8.68
CA THR F 54 -26.05 -0.47 7.49
C THR F 54 -24.71 -0.37 6.77
N LYS F 55 -23.62 -0.28 7.53
CA LYS F 55 -22.29 -0.23 6.92
C LYS F 55 -21.91 -1.57 6.32
N LYS F 56 -22.30 -2.67 6.98
CA LYS F 56 -21.92 -3.99 6.48
C LYS F 56 -22.56 -4.27 5.13
N SER F 57 -23.80 -3.84 4.94
CA SER F 57 -24.47 -4.05 3.65
C SER F 57 -23.78 -3.29 2.53
N VAL F 58 -23.37 -2.04 2.79
CA VAL F 58 -22.65 -1.27 1.78
C VAL F 58 -21.30 -1.89 1.48
N ALA F 59 -20.53 -2.21 2.54
CA ALA F 59 -19.21 -2.79 2.35
C ALA F 59 -19.27 -4.17 1.71
N GLU F 60 -20.38 -4.89 1.85
CA GLU F 60 -20.56 -6.17 1.17
C GLU F 60 -21.21 -6.02 -0.20
N SER F 61 -21.73 -4.83 -0.51
CA SER F 61 -22.37 -4.62 -1.81
C SER F 61 -21.33 -4.53 -2.92
N MET F 62 -20.18 -3.92 -2.64
CA MET F 62 -19.15 -3.68 -3.65
C MET F 62 -18.00 -4.66 -3.54
N LEU F 63 -18.28 -5.92 -3.23
CA LEU F 63 -17.28 -6.97 -3.26
C LEU F 63 -17.91 -8.26 -3.73
N ASP F 64 -17.29 -8.91 -4.71
CA ASP F 64 -17.77 -10.20 -5.18
C ASP F 64 -17.42 -11.27 -4.16
N VAL F 65 -18.29 -11.48 -3.17
CA VAL F 65 -18.00 -12.45 -2.11
C VAL F 65 -17.88 -13.85 -2.68
N ALA F 66 -18.63 -14.15 -3.75
CA ALA F 66 -18.55 -15.47 -4.36
C ALA F 66 -17.16 -15.72 -4.95
N LEU F 67 -16.63 -14.74 -5.68
CA LEU F 67 -15.31 -14.91 -6.28
C LEU F 67 -14.21 -14.72 -5.24
N PHE F 68 -14.38 -13.77 -4.32
CA PHE F 68 -13.36 -13.52 -3.31
C PHE F 68 -13.20 -14.74 -2.41
N MET F 69 -14.32 -15.35 -2.00
CA MET F 69 -14.25 -16.50 -1.12
C MET F 69 -13.76 -17.74 -1.87
N SER F 70 -14.09 -17.86 -3.16
CA SER F 70 -13.61 -18.99 -3.94
C SER F 70 -12.09 -19.00 -4.02
N ASN F 71 -11.48 -17.82 -4.22
CA ASN F 71 -10.03 -17.74 -4.27
C ASN F 71 -9.42 -18.03 -2.90
N ALA F 72 -10.19 -17.83 -1.84
CA ALA F 72 -9.64 -17.99 -0.49
C ALA F 72 -9.21 -19.43 -0.23
N MET F 73 -10.09 -20.40 -0.49
CA MET F 73 -9.70 -21.80 -0.34
C MET F 73 -8.68 -22.22 -1.39
N ARG F 74 -8.74 -21.64 -2.60
CA ARG F 74 -7.78 -22.01 -3.62
C ARG F 74 -6.35 -21.68 -3.18
N LEU F 75 -6.17 -20.55 -2.52
CA LEU F 75 -4.86 -20.27 -1.92
C LEU F 75 -4.53 -21.27 -0.81
N LYS F 76 -5.53 -21.63 -0.01
CA LYS F 76 -5.29 -22.62 1.04
C LYS F 76 -4.98 -23.98 0.46
N ALA F 77 -5.71 -24.40 -0.57
CA ALA F 77 -5.51 -25.73 -1.14
C ALA F 77 -4.12 -25.88 -1.76
N VAL F 78 -3.66 -24.86 -2.48
CA VAL F 78 -2.33 -24.93 -3.08
C VAL F 78 -1.25 -24.86 -2.01
N LEU F 79 -1.51 -24.18 -0.89
CA LEU F 79 -0.51 -24.07 0.16
C LEU F 79 -0.28 -25.41 0.84
N GLU F 80 -1.34 -26.15 1.13
CA GLU F 80 -1.19 -27.47 1.73
C GLU F 80 -0.65 -28.50 0.75
N GLN F 81 -0.67 -28.20 -0.55
CA GLN F 81 -0.21 -29.16 -1.54
C GLN F 81 1.30 -29.23 -1.63
N GLY F 82 2.01 -28.27 -1.03
CA GLY F 82 3.45 -28.32 -0.94
C GLY F 82 4.16 -27.49 -1.99
N PRO F 83 5.31 -26.92 -1.62
CA PRO F 83 6.09 -26.15 -2.60
C PRO F 83 6.56 -26.99 -3.78
N SER F 84 6.80 -28.28 -3.57
CA SER F 84 7.26 -29.15 -4.65
C SER F 84 6.20 -29.41 -5.70
N SER F 85 4.94 -29.09 -5.41
CA SER F 85 3.87 -29.35 -6.37
C SER F 85 3.99 -28.42 -7.57
N HIS F 86 3.42 -28.85 -8.69
CA HIS F 86 3.55 -28.12 -9.94
C HIS F 86 2.83 -26.78 -9.86
N TYR F 87 3.44 -25.75 -10.47
CA TYR F 87 2.87 -24.41 -10.56
C TYR F 87 2.65 -23.78 -9.19
N TYR F 88 3.41 -24.21 -8.19
CA TYR F 88 3.28 -23.62 -6.86
C TYR F 88 3.68 -22.15 -6.87
N THR F 89 4.80 -21.83 -7.53
CA THR F 89 5.29 -20.45 -7.51
C THR F 89 4.38 -19.52 -8.30
N THR F 90 3.83 -19.98 -9.42
CA THR F 90 2.99 -19.10 -10.23
C THR F 90 1.58 -18.99 -9.66
N LEU F 91 1.06 -20.06 -9.07
CA LEU F 91 -0.30 -20.00 -8.53
C LEU F 91 -0.38 -19.12 -7.30
N VAL F 92 0.68 -19.12 -6.49
CA VAL F 92 0.68 -18.30 -5.28
C VAL F 92 0.64 -16.82 -5.64
N THR F 93 1.46 -16.41 -6.61
CA THR F 93 1.51 -14.99 -6.97
C THR F 93 0.28 -14.58 -7.77
N LEU F 94 -0.25 -15.49 -8.59
CA LEU F 94 -1.45 -15.17 -9.36
C LEU F 94 -2.65 -14.95 -8.45
N ILE F 95 -2.82 -15.81 -7.45
CA ILE F 95 -3.92 -15.65 -6.50
C ILE F 95 -3.69 -14.45 -5.61
N SER F 96 -2.45 -14.24 -5.16
CA SER F 96 -2.16 -13.17 -4.21
C SER F 96 -2.52 -11.81 -4.79
N LEU F 97 -2.09 -11.53 -6.03
CA LEU F 97 -2.41 -10.25 -6.62
C LEU F 97 -3.85 -10.19 -7.10
N SER F 98 -4.48 -11.34 -7.32
CA SER F 98 -5.91 -11.35 -7.61
C SER F 98 -6.71 -10.86 -6.41
N LEU F 99 -6.40 -11.39 -5.23
CA LEU F 99 -7.04 -10.89 -4.00
C LEU F 99 -6.59 -9.47 -3.70
N LEU F 100 -5.31 -9.17 -3.94
CA LEU F 100 -4.82 -7.82 -3.72
C LEU F 100 -5.55 -6.82 -4.60
N LEU F 101 -5.75 -7.17 -5.87
CA LEU F 101 -6.49 -6.29 -6.78
C LEU F 101 -7.92 -6.10 -6.32
N GLN F 102 -8.52 -7.14 -5.73
CA GLN F 102 -9.91 -7.04 -5.28
C GLN F 102 -10.03 -6.08 -4.09
N VAL F 103 -9.04 -6.07 -3.20
CA VAL F 103 -9.07 -5.14 -2.08
C VAL F 103 -8.97 -3.70 -2.58
N VAL F 104 -8.05 -3.45 -3.51
CA VAL F 104 -7.92 -2.11 -4.09
C VAL F 104 -9.20 -1.74 -4.84
N ILE F 105 -9.81 -2.71 -5.52
CA ILE F 105 -11.09 -2.46 -6.17
C ILE F 105 -12.15 -2.12 -5.13
N GLY F 106 -12.18 -2.85 -4.02
CA GLY F 106 -13.15 -2.57 -2.98
C GLY F 106 -12.99 -1.17 -2.40
N VAL F 107 -11.74 -0.76 -2.18
CA VAL F 107 -11.47 0.59 -1.66
C VAL F 107 -11.90 1.64 -2.67
N LEU F 108 -11.56 1.42 -3.95
CA LEU F 108 -11.90 2.40 -4.98
C LEU F 108 -13.41 2.54 -5.13
N LEU F 109 -14.14 1.42 -5.07
CA LEU F 109 -15.59 1.48 -5.19
C LEU F 109 -16.22 2.25 -4.04
N VAL F 110 -15.62 2.16 -2.85
CA VAL F 110 -16.12 2.91 -1.70
C VAL F 110 -16.00 4.41 -1.96
N VAL F 111 -14.83 4.84 -2.46
CA VAL F 111 -14.59 6.25 -2.70
C VAL F 111 -15.55 6.80 -3.75
N ILE F 112 -15.72 6.07 -4.85
CA ILE F 112 -16.55 6.54 -5.95
C ILE F 112 -18.00 6.69 -5.50
N ALA F 113 -18.51 5.69 -4.77
CA ALA F 113 -19.91 5.73 -4.35
C ALA F 113 -20.18 6.91 -3.41
N ARG F 114 -19.27 7.15 -2.47
CA ARG F 114 -19.43 8.29 -1.56
C ARG F 114 -19.33 9.60 -2.32
N LEU F 115 -18.41 9.68 -3.28
CA LEU F 115 -18.15 10.94 -3.99
C LEU F 115 -19.19 11.26 -5.04
N ASN F 116 -19.97 10.27 -5.48
CA ASN F 116 -20.91 10.50 -6.58
C ASN F 116 -21.97 11.52 -6.20
N LEU F 117 -22.80 11.21 -5.20
CA LEU F 117 -23.92 12.07 -4.86
C LEU F 117 -23.49 13.31 -4.08
N ASN F 118 -22.49 13.17 -3.21
CA ASN F 118 -22.09 14.29 -2.36
C ASN F 118 -21.46 15.42 -3.17
N GLU F 119 -20.60 15.07 -4.13
CA GLU F 119 -19.85 16.07 -4.89
C GLU F 119 -20.45 16.22 -6.28
N VAL F 120 -20.56 17.47 -6.73
CA VAL F 120 -21.10 17.76 -8.05
C VAL F 120 -20.20 18.69 -8.87
N GLU F 121 -19.22 19.36 -8.27
CA GLU F 121 -18.40 20.31 -9.01
C GLU F 121 -17.43 19.58 -9.94
N LYS F 122 -16.54 18.78 -9.38
CA LYS F 122 -15.56 18.08 -10.21
C LYS F 122 -16.19 16.89 -10.89
N GLN F 123 -15.79 16.65 -12.14
CA GLN F 123 -16.24 15.49 -12.89
C GLN F 123 -15.04 14.79 -13.49
N TRP F 124 -13.96 15.55 -13.72
CA TRP F 124 -12.74 14.98 -14.27
C TRP F 124 -12.09 13.97 -13.31
N ARG F 125 -12.14 14.24 -12.00
CA ARG F 125 -11.68 13.25 -11.04
C ARG F 125 -12.50 11.97 -11.12
N LEU F 126 -13.81 12.09 -11.28
CA LEU F 126 -14.66 10.91 -11.38
C LEU F 126 -14.32 10.08 -12.62
N ASN F 127 -14.04 10.76 -13.73
CA ASN F 127 -13.74 10.04 -14.97
C ASN F 127 -12.47 9.21 -14.84
N GLN F 128 -11.44 9.75 -14.18
CA GLN F 128 -10.22 8.98 -13.94
C GLN F 128 -10.50 7.80 -13.01
N LEU F 129 -11.23 8.03 -11.92
CA LEU F 129 -11.50 6.96 -10.97
C LEU F 129 -12.35 5.86 -11.59
N ASN F 130 -13.35 6.23 -12.40
CA ASN F 130 -14.17 5.22 -13.05
C ASN F 130 -13.35 4.36 -13.99
N ASN F 131 -12.42 4.97 -14.74
CA ASN F 131 -11.58 4.21 -15.64
C ASN F 131 -10.66 3.27 -14.87
N ALA F 132 -10.08 3.75 -13.77
CA ALA F 132 -9.20 2.90 -12.97
C ALA F 132 -9.97 1.73 -12.36
N ALA F 133 -11.19 1.99 -11.87
CA ALA F 133 -12.01 0.91 -11.33
C ALA F 133 -12.39 -0.08 -12.41
N THR F 134 -12.75 0.41 -13.60
CA THR F 134 -13.11 -0.49 -14.69
C THR F 134 -11.93 -1.32 -15.16
N ILE F 135 -10.76 -0.69 -15.28
CA ILE F 135 -9.58 -1.40 -15.77
C ILE F 135 -9.08 -2.40 -14.74
N LEU F 136 -9.09 -2.03 -13.46
CA LEU F 136 -8.61 -2.94 -12.42
C LEU F 136 -9.51 -4.17 -12.32
N VAL F 137 -10.82 -4.01 -12.53
CA VAL F 137 -11.71 -5.16 -12.59
C VAL F 137 -11.36 -6.03 -13.79
N PHE F 138 -10.96 -5.40 -14.90
CA PHE F 138 -10.62 -6.15 -16.10
C PHE F 138 -9.44 -7.08 -15.87
N PHE F 139 -8.41 -6.60 -15.14
CA PHE F 139 -7.26 -7.44 -14.86
C PHE F 139 -7.60 -8.59 -13.93
N THR F 140 -8.62 -8.43 -13.09
CA THR F 140 -9.07 -9.55 -12.26
C THR F 140 -9.73 -10.62 -13.11
N VAL F 141 -10.43 -10.21 -14.17
CA VAL F 141 -11.00 -11.17 -15.10
C VAL F 141 -9.88 -11.92 -15.82
N VAL F 142 -8.84 -11.21 -16.23
CA VAL F 142 -7.72 -11.84 -16.93
C VAL F 142 -6.99 -12.82 -16.03
N ILE F 143 -6.72 -12.42 -14.79
CA ILE F 143 -6.01 -13.29 -13.86
C ILE F 143 -6.81 -14.55 -13.57
N ASN F 144 -8.12 -14.41 -13.36
CA ASN F 144 -8.94 -15.56 -13.01
C ASN F 144 -8.91 -16.62 -14.10
N VAL F 145 -8.79 -16.20 -15.36
CA VAL F 145 -8.67 -17.17 -16.45
C VAL F 145 -7.37 -17.96 -16.33
N PHE F 146 -6.27 -17.27 -16.01
CA PHE F 146 -4.99 -17.95 -15.85
C PHE F 146 -5.02 -18.90 -14.65
N ILE F 147 -5.69 -18.49 -13.58
CA ILE F 147 -5.85 -19.38 -12.43
C ILE F 147 -6.65 -20.62 -12.84
N THR F 148 -7.75 -20.40 -13.57
CA THR F 148 -8.55 -21.53 -14.05
C THR F 148 -7.74 -22.42 -15.00
N ALA F 149 -6.99 -21.79 -15.91
CA ALA F 149 -6.23 -22.56 -16.89
C ALA F 149 -5.11 -23.36 -16.23
N PHE F 150 -4.44 -22.78 -15.25
CA PHE F 150 -3.34 -23.45 -14.57
C PHE F 150 -3.79 -24.27 -13.36
N GLY F 151 -5.08 -24.26 -13.04
CA GLY F 151 -5.58 -25.02 -11.91
C GLY F 151 -6.14 -26.37 -12.30
#